data_1JCZ
#
_entry.id   1JCZ
#
_cell.length_a   146.733
_cell.length_b   44.578
_cell.length_c   85.167
_cell.angle_alpha   90.00
_cell.angle_beta   94.10
_cell.angle_gamma   90.00
#
_symmetry.space_group_name_H-M   'C 1 2 1'
#
loop_
_entity.id
_entity.type
_entity.pdbx_description
1 polymer 'CARBONIC ANHYDRASE XII'
2 non-polymer 'ZINC ION'
3 non-polymer 'ACETIC ACID'
4 water water
#
_entity_poly.entity_id   1
_entity_poly.type   'polypeptide(L)'
_entity_poly.pdbx_seq_one_letter_code
;ASKWTYFGPDGENSWSKKYPSCGGLLQSPIDLHSDILQYDASLTPLEFQGYNLSANKQFLLTNNGHSVKLNLPSDMHIQG
LQSRYSATQLHLHWGNPNDPHGSEHTVSGQHFAAELHIVHYNSDLYPDASTASNKSEGLAVLAVLIEMGSFNPSYDKIFS
HLQHVKYKGQEAFVPGFNIEELLPERTAEYYRYRGSLTTPPCNPTVLWTVFRNPVQISQEQLLALETALYCTHMDDPSPR
EMINNFRQVQKFDERLVYTSFSQ
;
_entity_poly.pdbx_strand_id   A,B
#
loop_
_chem_comp.id
_chem_comp.type
_chem_comp.name
_chem_comp.formula
ACY non-polymer 'ACETIC ACID' 'C2 H4 O2'
ZN non-polymer 'ZINC ION' 'Zn 2'
#
# COMPACT_ATOMS: atom_id res chain seq x y z
N LYS A 3 2.16 -1.54 22.75
CA LYS A 3 3.19 -2.12 21.86
C LYS A 3 2.70 -2.21 20.42
N TRP A 4 3.61 -2.10 19.47
CA TRP A 4 3.27 -2.18 18.06
C TRP A 4 4.45 -2.75 17.27
N THR A 5 4.16 -3.30 16.09
CA THR A 5 5.19 -3.88 15.23
C THR A 5 4.84 -3.63 13.76
N TYR A 6 5.64 -4.18 12.86
CA TYR A 6 5.40 -4.04 11.42
C TYR A 6 4.94 -5.37 10.82
N PHE A 7 4.78 -6.38 11.67
CA PHE A 7 4.34 -7.69 11.21
C PHE A 7 3.67 -8.42 12.36
N GLY A 8 2.65 -9.21 12.01
CA GLY A 8 1.94 -9.96 13.03
C GLY A 8 0.70 -9.27 13.57
N PRO A 9 0.16 -9.76 14.70
CA PRO A 9 -1.03 -9.27 15.39
C PRO A 9 -1.05 -7.77 15.67
N ASP A 10 0.09 -7.22 16.05
CA ASP A 10 0.19 -5.79 16.35
C ASP A 10 0.75 -5.00 15.17
N GLY A 11 0.61 -5.55 13.97
CA GLY A 11 1.09 -4.92 12.76
C GLY A 11 0.32 -3.67 12.33
N GLU A 12 0.75 -3.07 11.23
CA GLU A 12 0.14 -1.83 10.76
C GLU A 12 -1.37 -1.79 10.55
N ASN A 13 -1.98 -2.91 10.20
CA ASN A 13 -3.42 -2.91 10.01
C ASN A 13 -4.15 -2.84 11.34
N SER A 14 -3.41 -3.03 12.43
CA SER A 14 -3.99 -3.00 13.77
C SER A 14 -3.58 -1.78 14.59
N TRP A 15 -2.70 -0.94 14.05
CA TRP A 15 -2.27 0.25 14.79
C TRP A 15 -3.43 1.13 15.25
N SER A 16 -4.42 1.31 14.38
CA SER A 16 -5.57 2.16 14.69
C SER A 16 -6.36 1.76 15.93
N LYS A 17 -6.21 0.52 16.38
CA LYS A 17 -6.93 0.06 17.56
C LYS A 17 -6.48 0.84 18.79
N LYS A 18 -5.17 1.01 18.94
CA LYS A 18 -4.60 1.72 20.07
C LYS A 18 -4.18 3.15 19.74
N TYR A 19 -3.93 3.40 18.45
CA TYR A 19 -3.53 4.71 18.00
C TYR A 19 -4.50 5.21 16.93
N PRO A 20 -5.59 5.87 17.36
CA PRO A 20 -6.64 6.42 16.51
C PRO A 20 -6.18 7.20 15.29
N SER A 21 -5.15 8.02 15.46
CA SER A 21 -4.66 8.82 14.35
C SER A 21 -4.15 7.98 13.19
N CYS A 22 -3.74 6.75 13.47
CA CYS A 22 -3.24 5.86 12.40
C CYS A 22 -4.35 5.50 11.42
N GLY A 23 -5.60 5.72 11.85
CA GLY A 23 -6.73 5.44 10.98
C GLY A 23 -7.41 6.74 10.61
N GLY A 24 -6.73 7.85 10.90
CA GLY A 24 -7.27 9.17 10.61
C GLY A 24 -6.84 9.82 9.31
N LEU A 25 -6.87 11.16 9.31
CA LEU A 25 -6.52 11.95 8.13
C LEU A 25 -5.03 12.23 7.95
N LEU A 26 -4.70 12.72 6.76
CA LEU A 26 -3.34 13.08 6.38
C LEU A 26 -2.27 12.05 6.69
N GLN A 27 -2.56 10.78 6.42
CA GLN A 27 -1.60 9.71 6.70
C GLN A 27 -0.49 9.58 5.67
N SER A 28 0.68 9.16 6.16
CA SER A 28 1.88 8.96 5.35
C SER A 28 2.34 7.53 5.58
N PRO A 29 3.16 6.97 4.69
CA PRO A 29 3.72 7.56 3.45
C PRO A 29 2.72 7.41 2.30
N ILE A 30 3.10 7.92 1.14
CA ILE A 30 2.25 7.85 -0.04
C ILE A 30 3.08 7.60 -1.29
N ASP A 31 2.41 7.20 -2.37
CA ASP A 31 3.08 6.99 -3.64
C ASP A 31 3.07 8.30 -4.42
N LEU A 32 4.22 8.66 -4.96
CA LEU A 32 4.35 9.89 -5.72
C LEU A 32 4.30 9.57 -7.21
N HIS A 33 3.16 9.85 -7.84
CA HIS A 33 3.00 9.60 -9.26
C HIS A 33 2.35 10.78 -9.97
N SER A 34 2.65 10.91 -11.25
CA SER A 34 2.18 12.02 -12.10
C SER A 34 0.79 12.59 -11.85
N ASP A 35 -0.23 11.73 -11.81
CA ASP A 35 -1.61 12.19 -11.62
C ASP A 35 -1.83 13.11 -10.41
N ILE A 36 -1.06 12.93 -9.36
CA ILE A 36 -1.24 13.74 -8.17
C ILE A 36 -0.06 14.67 -7.83
N LEU A 37 0.79 14.91 -8.82
CA LEU A 37 1.94 15.78 -8.66
C LEU A 37 1.71 17.09 -9.42
N GLN A 38 2.15 18.20 -8.83
CA GLN A 38 2.00 19.50 -9.45
C GLN A 38 3.17 20.41 -9.13
N TYR A 39 3.77 20.99 -10.16
CA TYR A 39 4.90 21.89 -9.98
C TYR A 39 4.45 23.21 -9.34
N ASP A 40 5.21 23.66 -8.35
CA ASP A 40 4.92 24.92 -7.68
C ASP A 40 6.21 25.73 -7.67
N ALA A 41 6.31 26.67 -8.61
CA ALA A 41 7.49 27.51 -8.75
C ALA A 41 7.85 28.30 -7.50
N SER A 42 6.93 28.39 -6.54
CA SER A 42 7.18 29.13 -5.31
C SER A 42 7.96 28.34 -4.27
N LEU A 43 8.13 27.04 -4.51
CA LEU A 43 8.86 26.19 -3.57
C LEU A 43 10.36 26.44 -3.71
N THR A 44 10.87 27.28 -2.82
CA THR A 44 12.29 27.65 -2.82
C THR A 44 13.16 26.67 -2.06
N PRO A 45 14.48 26.73 -2.27
CA PRO A 45 15.44 25.83 -1.61
C PRO A 45 15.47 26.00 -0.09
N LEU A 46 15.57 24.88 0.62
CA LEU A 46 15.67 24.93 2.07
C LEU A 46 17.13 25.14 2.38
N GLU A 47 17.41 25.72 3.54
CA GLU A 47 18.78 25.96 3.97
C GLU A 47 19.00 25.11 5.21
N PHE A 48 20.08 24.34 5.21
CA PHE A 48 20.39 23.46 6.33
C PHE A 48 21.49 24.11 7.16
N GLN A 49 21.15 24.54 8.37
CA GLN A 49 22.09 25.22 9.24
C GLN A 49 22.50 24.34 10.43
N GLY A 50 23.77 24.43 10.82
CA GLY A 50 24.27 23.67 11.93
C GLY A 50 24.31 22.17 11.69
N TYR A 51 24.23 21.76 10.42
CA TYR A 51 24.25 20.36 10.07
C TYR A 51 25.65 19.75 10.17
N ASN A 52 26.68 20.59 10.12
CA ASN A 52 28.03 20.09 10.23
C ASN A 52 28.35 19.95 11.72
N LEU A 53 27.95 18.83 12.29
CA LEU A 53 28.13 18.56 13.71
C LEU A 53 29.60 18.44 14.09
N SER A 54 29.96 19.01 15.23
CA SER A 54 31.34 18.95 15.69
C SER A 54 31.82 17.53 15.92
N ALA A 55 32.98 17.20 15.38
CA ALA A 55 33.56 15.87 15.54
C ALA A 55 34.06 15.69 16.98
N ASN A 56 34.03 16.77 17.76
CA ASN A 56 34.47 16.70 19.16
C ASN A 56 33.28 16.46 20.08
N LYS A 57 32.11 16.29 19.48
CA LYS A 57 30.91 16.01 20.25
C LYS A 57 30.44 14.62 19.86
N GLN A 58 29.78 13.94 20.79
CA GLN A 58 29.28 12.58 20.54
C GLN A 58 27.76 12.60 20.49
N PHE A 59 27.19 11.85 19.56
CA PHE A 59 25.76 11.77 19.42
C PHE A 59 25.30 10.33 19.61
N LEU A 60 24.25 10.18 20.40
CA LEU A 60 23.72 8.87 20.75
C LEU A 60 22.96 8.12 19.67
N LEU A 61 23.44 6.92 19.37
CA LEU A 61 22.81 6.03 18.39
C LEU A 61 22.11 4.97 19.22
N THR A 62 20.84 4.71 18.93
CA THR A 62 20.09 3.73 19.70
C THR A 62 19.24 2.79 18.85
N ASN A 63 19.11 1.55 19.32
CA ASN A 63 18.25 0.56 18.67
C ASN A 63 17.05 0.62 19.61
N ASN A 64 15.95 1.21 19.15
CA ASN A 64 14.77 1.34 19.99
C ASN A 64 13.74 0.24 19.76
N GLY A 65 14.16 -0.81 19.05
CA GLY A 65 13.25 -1.91 18.78
C GLY A 65 12.41 -1.74 17.53
N HIS A 66 12.51 -0.58 16.89
CA HIS A 66 11.73 -0.31 15.68
C HIS A 66 12.62 0.15 14.53
N SER A 67 13.76 0.73 14.87
CA SER A 67 14.71 1.23 13.87
C SER A 67 15.99 1.59 14.61
N VAL A 68 16.97 2.11 13.88
CA VAL A 68 18.20 2.55 14.51
C VAL A 68 18.08 4.07 14.43
N LYS A 69 18.19 4.73 15.57
CA LYS A 69 18.03 6.18 15.65
C LYS A 69 19.26 6.91 16.15
N LEU A 70 19.52 8.08 15.58
CA LEU A 70 20.63 8.92 16.00
C LEU A 70 20.04 10.22 16.55
N ASN A 71 20.36 10.54 17.80
CA ASN A 71 19.85 11.77 18.38
C ASN A 71 20.61 12.94 17.77
N LEU A 72 19.88 14.01 17.46
CA LEU A 72 20.46 15.21 16.86
C LEU A 72 20.24 16.40 17.77
N PRO A 73 21.13 17.40 17.70
CA PRO A 73 21.01 18.60 18.52
C PRO A 73 20.05 19.62 17.96
N SER A 74 19.43 20.39 18.85
CA SER A 74 18.47 21.40 18.44
C SER A 74 19.13 22.59 17.76
N ASP A 75 20.46 22.64 17.80
CA ASP A 75 21.16 23.74 17.16
C ASP A 75 21.26 23.55 15.64
N MET A 76 20.94 22.35 15.14
CA MET A 76 20.94 22.19 13.69
C MET A 76 19.48 22.42 13.30
N HIS A 77 19.26 23.19 12.25
CA HIS A 77 17.90 23.50 11.86
C HIS A 77 17.67 23.77 10.39
N ILE A 78 16.40 23.79 10.01
CA ILE A 78 16.00 24.05 8.65
C ILE A 78 15.55 25.50 8.54
N GLN A 79 16.03 26.19 7.52
CA GLN A 79 15.64 27.57 7.29
C GLN A 79 14.96 27.59 5.92
N GLY A 80 13.88 28.35 5.81
CA GLY A 80 13.18 28.42 4.54
C GLY A 80 11.69 28.15 4.66
N LEU A 81 11.28 27.61 5.80
CA LEU A 81 9.86 27.32 6.04
C LEU A 81 9.25 28.48 6.83
N GLN A 82 7.92 28.46 7.01
CA GLN A 82 7.23 29.52 7.72
C GLN A 82 7.76 29.73 9.15
N SER A 83 8.25 28.65 9.76
CA SER A 83 8.80 28.71 11.10
C SER A 83 10.13 27.99 11.10
N ARG A 84 10.94 28.21 12.14
CA ARG A 84 12.20 27.51 12.24
C ARG A 84 11.93 26.12 12.81
N TYR A 85 12.54 25.11 12.21
CA TYR A 85 12.38 23.74 12.68
C TYR A 85 13.76 23.23 13.09
N SER A 86 13.89 22.82 14.34
CA SER A 86 15.15 22.33 14.87
C SER A 86 15.15 20.80 14.89
N ALA A 87 16.32 20.21 14.64
CA ALA A 87 16.42 18.76 14.59
C ALA A 87 16.26 18.07 15.95
N THR A 88 15.83 16.82 15.92
CA THR A 88 15.68 16.03 17.14
C THR A 88 16.27 14.64 16.95
N GLN A 89 16.09 14.05 15.77
CA GLN A 89 16.65 12.72 15.52
C GLN A 89 16.48 12.30 14.08
N LEU A 90 17.25 11.28 13.69
CA LEU A 90 17.12 10.72 12.35
C LEU A 90 17.09 9.21 12.53
N HIS A 91 16.48 8.52 11.58
CA HIS A 91 16.39 7.06 11.64
C HIS A 91 16.15 6.56 10.23
N LEU A 92 16.11 5.24 10.06
CA LEU A 92 15.91 4.66 8.75
C LEU A 92 14.81 3.60 8.67
N HIS A 93 14.46 3.25 7.44
CA HIS A 93 13.44 2.25 7.15
C HIS A 93 14.03 1.40 6.02
N TRP A 94 13.87 0.08 6.11
CA TRP A 94 14.42 -0.81 5.09
C TRP A 94 13.63 -2.10 4.93
N GLY A 95 14.05 -2.92 3.97
CA GLY A 95 13.36 -4.17 3.72
C GLY A 95 14.09 -5.36 4.32
N ASN A 96 14.48 -6.30 3.46
CA ASN A 96 15.21 -7.48 3.92
C ASN A 96 16.07 -8.02 2.78
N PRO A 97 17.01 -8.92 3.08
CA PRO A 97 17.88 -9.47 2.04
C PRO A 97 17.17 -10.07 0.81
N ASN A 98 16.03 -10.70 1.02
CA ASN A 98 15.29 -11.31 -0.10
C ASN A 98 14.42 -10.33 -0.87
N ASP A 99 14.21 -9.14 -0.33
CA ASP A 99 13.39 -8.12 -0.98
C ASP A 99 13.92 -6.78 -0.47
N PRO A 100 15.07 -6.33 -1.02
CA PRO A 100 15.74 -5.07 -0.65
C PRO A 100 15.08 -3.82 -1.22
N HIS A 101 13.81 -3.63 -0.90
CA HIS A 101 13.05 -2.48 -1.40
C HIS A 101 12.15 -2.02 -0.27
N GLY A 102 12.74 -1.40 0.75
CA GLY A 102 11.97 -0.98 1.90
C GLY A 102 11.79 0.50 2.17
N SER A 103 11.81 1.34 1.15
CA SER A 103 11.59 2.76 1.39
C SER A 103 10.12 2.88 1.76
N GLU A 104 9.74 3.98 2.39
CA GLU A 104 8.35 4.18 2.77
C GLU A 104 7.62 4.86 1.62
N HIS A 105 8.15 5.97 1.15
CA HIS A 105 7.54 6.65 0.01
C HIS A 105 7.96 5.88 -1.22
N THR A 106 7.09 5.88 -2.23
CA THR A 106 7.40 5.21 -3.48
C THR A 106 7.22 6.24 -4.59
N VAL A 107 7.87 6.03 -5.71
CA VAL A 107 7.77 6.94 -6.85
C VAL A 107 7.29 6.15 -8.05
N SER A 108 6.14 6.53 -8.58
CA SER A 108 5.55 5.83 -9.73
C SER A 108 5.44 4.34 -9.40
N GLY A 109 5.01 4.05 -8.17
CA GLY A 109 4.84 2.68 -7.72
C GLY A 109 6.10 1.92 -7.36
N GLN A 110 7.26 2.55 -7.51
CA GLN A 110 8.51 1.87 -7.21
C GLN A 110 9.09 2.21 -5.84
N HIS A 111 9.47 1.17 -5.11
CA HIS A 111 10.10 1.35 -3.80
C HIS A 111 11.57 1.60 -4.07
N PHE A 112 12.24 2.24 -3.13
CA PHE A 112 13.67 2.42 -3.23
C PHE A 112 14.18 1.42 -2.19
N ALA A 113 15.48 1.19 -2.14
CA ALA A 113 16.01 0.21 -1.19
C ALA A 113 15.73 0.53 0.27
N ALA A 114 15.87 1.80 0.63
CA ALA A 114 15.65 2.22 2.01
C ALA A 114 15.29 3.69 2.02
N GLU A 115 15.07 4.24 3.21
CA GLU A 115 14.71 5.64 3.32
C GLU A 115 15.18 6.21 4.65
N LEU A 116 15.76 7.41 4.59
CA LEU A 116 16.25 8.11 5.77
C LEU A 116 15.29 9.22 6.13
N HIS A 117 14.99 9.36 7.42
CA HIS A 117 14.10 10.43 7.89
C HIS A 117 14.83 11.27 8.91
N ILE A 118 14.95 12.56 8.64
CA ILE A 118 15.59 13.48 9.58
C ILE A 118 14.44 14.31 10.14
N VAL A 119 14.11 14.04 11.39
CA VAL A 119 12.99 14.68 12.07
C VAL A 119 13.34 15.98 12.78
N HIS A 120 12.53 17.01 12.56
CA HIS A 120 12.71 18.33 13.18
C HIS A 120 11.38 18.75 13.81
N TYR A 121 11.44 19.66 14.78
CA TYR A 121 10.22 20.15 15.41
C TYR A 121 10.18 21.68 15.34
N ASN A 122 8.98 22.23 15.42
CA ASN A 122 8.79 23.68 15.36
C ASN A 122 9.27 24.30 16.68
N SER A 123 10.52 24.76 16.69
CA SER A 123 11.09 25.37 17.89
C SER A 123 10.62 26.80 18.14
N ASP A 124 9.93 27.39 17.16
CA ASP A 124 9.41 28.74 17.32
C ASP A 124 8.13 28.72 18.14
N LEU A 125 7.35 27.64 17.98
CA LEU A 125 6.09 27.51 18.69
C LEU A 125 6.15 26.56 19.89
N TYR A 126 7.05 25.59 19.84
CA TYR A 126 7.15 24.62 20.92
C TYR A 126 8.55 24.49 21.52
N PRO A 127 8.61 24.14 22.81
CA PRO A 127 9.86 23.96 23.57
C PRO A 127 10.68 22.74 23.22
N ASP A 128 10.03 21.67 22.76
CA ASP A 128 10.71 20.45 22.40
C ASP A 128 9.89 19.58 21.45
N ALA A 129 10.53 18.54 20.91
CA ALA A 129 9.86 17.65 19.96
C ALA A 129 8.69 16.91 20.58
N SER A 130 8.84 16.47 21.82
CA SER A 130 7.78 15.75 22.50
C SER A 130 6.49 16.56 22.51
N THR A 131 6.60 17.85 22.82
CA THR A 131 5.45 18.73 22.88
C THR A 131 4.89 19.07 21.49
N ALA A 132 5.79 19.29 20.53
CA ALA A 132 5.39 19.64 19.18
C ALA A 132 4.78 18.49 18.39
N SER A 133 5.17 17.26 18.73
CA SER A 133 4.73 16.05 18.05
C SER A 133 3.23 15.92 17.75
N ASN A 134 2.38 16.31 18.70
CA ASN A 134 0.94 16.18 18.49
C ASN A 134 0.23 17.53 18.41
N LYS A 135 0.92 18.52 17.86
CA LYS A 135 0.35 19.85 17.73
C LYS A 135 0.48 20.43 16.32
N SER A 136 -0.39 21.39 16.01
CA SER A 136 -0.41 22.03 14.70
C SER A 136 0.98 22.48 14.24
N GLU A 137 1.34 22.14 13.01
CA GLU A 137 2.63 22.50 12.42
C GLU A 137 3.78 22.13 13.34
N GLY A 138 3.60 21.06 14.11
CA GLY A 138 4.62 20.64 15.05
C GLY A 138 5.92 20.04 14.51
N LEU A 139 5.84 19.36 13.36
CA LEU A 139 7.03 18.72 12.83
C LEU A 139 7.30 18.94 11.35
N ALA A 140 8.57 18.77 10.97
CA ALA A 140 9.01 18.89 9.58
C ALA A 140 10.03 17.77 9.44
N VAL A 141 9.85 16.93 8.44
CA VAL A 141 10.76 15.81 8.24
C VAL A 141 11.35 15.83 6.85
N LEU A 142 12.65 15.53 6.76
CA LEU A 142 13.33 15.45 5.48
C LEU A 142 13.44 13.97 5.18
N ALA A 143 13.07 13.57 3.97
CA ALA A 143 13.15 12.17 3.59
C ALA A 143 14.14 12.02 2.44
N VAL A 144 15.08 11.08 2.60
CA VAL A 144 16.05 10.80 1.55
C VAL A 144 15.85 9.36 1.08
N LEU A 145 15.61 9.20 -0.21
CA LEU A 145 15.42 7.87 -0.79
C LEU A 145 16.81 7.27 -1.01
N ILE A 146 16.97 5.99 -0.69
CA ILE A 146 18.26 5.32 -0.81
C ILE A 146 18.21 4.14 -1.77
N GLU A 147 19.17 4.07 -2.68
CA GLU A 147 19.24 2.96 -3.63
C GLU A 147 20.62 2.33 -3.55
N MET A 148 20.75 1.12 -4.08
CA MET A 148 22.02 0.41 -4.07
C MET A 148 22.91 0.94 -5.17
N GLY A 149 24.17 1.19 -4.84
CA GLY A 149 25.11 1.69 -5.82
C GLY A 149 26.50 1.76 -5.24
N SER A 150 27.15 2.91 -5.40
CA SER A 150 28.51 3.09 -4.89
C SER A 150 28.55 3.21 -3.38
N PHE A 151 29.68 2.82 -2.80
CA PHE A 151 29.89 2.90 -1.35
C PHE A 151 29.75 4.37 -0.92
N ASN A 152 29.09 4.56 0.22
CA ASN A 152 28.86 5.90 0.73
C ASN A 152 29.59 6.10 2.07
N PRO A 153 30.74 6.80 2.05
CA PRO A 153 31.50 7.04 3.27
C PRO A 153 30.72 7.80 4.35
N SER A 154 29.83 8.68 3.92
CA SER A 154 29.05 9.47 4.85
C SER A 154 28.02 8.61 5.60
N TYR A 155 27.29 7.76 4.89
CA TYR A 155 26.33 6.91 5.57
C TYR A 155 27.07 5.90 6.43
N ASP A 156 28.31 5.58 6.05
CA ASP A 156 29.03 4.61 6.86
C ASP A 156 29.45 5.18 8.20
N LYS A 157 29.39 6.51 8.34
CA LYS A 157 29.74 7.12 9.62
C LYS A 157 28.68 6.66 10.62
N ILE A 158 27.55 6.20 10.11
CA ILE A 158 26.48 5.67 10.96
C ILE A 158 26.55 4.14 10.92
N PHE A 159 26.60 3.57 9.71
CA PHE A 159 26.60 2.12 9.57
C PHE A 159 27.75 1.37 10.24
N SER A 160 28.90 2.02 10.37
CA SER A 160 30.05 1.36 10.99
C SER A 160 29.80 1.03 12.47
N HIS A 161 28.75 1.60 13.04
CA HIS A 161 28.39 1.38 14.45
C HIS A 161 27.25 0.38 14.65
N LEU A 162 26.66 -0.10 13.56
CA LEU A 162 25.54 -1.03 13.65
C LEU A 162 25.77 -2.27 14.51
N GLN A 163 26.96 -2.86 14.40
CA GLN A 163 27.24 -4.06 15.18
C GLN A 163 27.34 -3.79 16.68
N HIS A 164 27.15 -2.54 17.08
CA HIS A 164 27.20 -2.20 18.50
C HIS A 164 25.84 -1.77 19.06
N VAL A 165 24.82 -1.83 18.21
CA VAL A 165 23.45 -1.51 18.62
C VAL A 165 22.54 -2.58 18.00
N LYS A 166 23.07 -3.80 17.95
CA LYS A 166 22.36 -4.93 17.37
C LYS A 166 21.04 -5.28 18.03
N TYR A 167 20.95 -5.08 19.34
CA TYR A 167 19.72 -5.44 20.05
C TYR A 167 18.99 -4.28 20.70
N LYS A 168 17.69 -4.47 20.91
CA LYS A 168 16.84 -3.44 21.50
C LYS A 168 17.37 -2.87 22.81
N GLY A 169 17.39 -1.54 22.89
CA GLY A 169 17.85 -0.89 24.10
C GLY A 169 19.34 -0.57 24.11
N GLN A 170 20.09 -1.13 23.18
CA GLN A 170 21.52 -0.88 23.13
C GLN A 170 21.83 0.48 22.51
N GLU A 171 22.97 1.05 22.91
CA GLU A 171 23.36 2.37 22.43
C GLU A 171 24.84 2.44 22.09
N ALA A 172 25.20 3.41 21.25
CA ALA A 172 26.57 3.62 20.85
C ALA A 172 26.75 5.11 20.61
N PHE A 173 28.00 5.57 20.62
CA PHE A 173 28.26 6.97 20.40
C PHE A 173 28.88 7.21 19.04
N VAL A 174 28.30 8.16 18.31
CA VAL A 174 28.77 8.52 16.98
C VAL A 174 29.35 9.92 17.02
N PRO A 175 30.64 10.09 16.65
CA PRO A 175 31.26 11.42 16.66
C PRO A 175 30.52 12.28 15.64
N GLY A 176 30.40 13.57 15.92
CA GLY A 176 29.72 14.43 14.97
C GLY A 176 30.35 14.43 13.58
N PHE A 177 29.50 14.54 12.58
CA PHE A 177 29.95 14.61 11.19
C PHE A 177 28.93 15.49 10.45
N ASN A 178 29.21 15.81 9.20
CA ASN A 178 28.32 16.68 8.44
C ASN A 178 27.08 15.93 7.93
N ILE A 179 25.97 16.14 8.62
CA ILE A 179 24.71 15.50 8.25
C ILE A 179 24.26 15.86 6.84
N GLU A 180 24.69 17.01 6.33
CA GLU A 180 24.30 17.40 4.99
C GLU A 180 24.87 16.41 3.97
N GLU A 181 25.89 15.68 4.38
CA GLU A 181 26.52 14.67 3.53
C GLU A 181 25.58 13.50 3.26
N LEU A 182 24.51 13.39 4.04
CA LEU A 182 23.54 12.31 3.86
C LEU A 182 22.44 12.71 2.88
N LEU A 183 22.42 13.99 2.49
CA LEU A 183 21.42 14.48 1.56
C LEU A 183 21.90 14.24 0.13
N PRO A 184 20.95 14.07 -0.81
CA PRO A 184 21.26 13.84 -2.22
C PRO A 184 21.66 15.09 -2.97
N GLU A 185 21.96 14.93 -4.25
CA GLU A 185 22.33 16.05 -5.10
C GLU A 185 21.08 16.86 -5.39
N ARG A 186 21.27 18.16 -5.62
CA ARG A 186 20.16 19.06 -5.92
C ARG A 186 19.00 18.99 -4.94
N THR A 187 19.27 19.29 -3.67
CA THR A 187 18.25 19.29 -2.65
C THR A 187 17.17 20.34 -2.93
N ALA A 188 17.44 21.23 -3.88
CA ALA A 188 16.46 22.26 -4.23
C ALA A 188 15.24 21.60 -4.85
N GLU A 189 15.42 20.39 -5.36
CA GLU A 189 14.35 19.63 -5.99
C GLU A 189 13.75 18.63 -5.01
N TYR A 190 12.48 18.82 -4.69
CA TYR A 190 11.81 17.95 -3.74
C TYR A 190 10.30 17.91 -3.91
N TYR A 191 9.69 16.97 -3.21
CA TYR A 191 8.24 16.78 -3.17
C TYR A 191 7.82 17.35 -1.82
N ARG A 192 6.65 18.00 -1.78
CA ARG A 192 6.16 18.61 -0.55
C ARG A 192 4.67 18.35 -0.33
N TYR A 193 4.34 17.91 0.89
CA TYR A 193 2.95 17.65 1.24
C TYR A 193 2.78 17.54 2.75
N ARG A 194 1.55 17.71 3.21
CA ARG A 194 1.24 17.61 4.63
C ARG A 194 0.87 16.17 4.96
N GLY A 195 1.57 15.60 5.94
CA GLY A 195 1.31 14.22 6.30
C GLY A 195 1.44 13.91 7.78
N SER A 196 1.84 12.69 8.06
CA SER A 196 1.94 12.22 9.44
C SER A 196 3.20 11.43 9.74
N LEU A 197 3.34 11.09 11.01
CA LEU A 197 4.44 10.23 11.43
C LEU A 197 4.03 8.92 10.76
N THR A 198 5.01 8.12 10.33
CA THR A 198 4.68 6.87 9.69
C THR A 198 4.72 5.71 10.67
N THR A 199 4.80 6.04 11.96
CA THR A 199 4.79 5.05 13.02
C THR A 199 3.84 5.57 14.07
N PRO A 200 3.26 4.67 14.87
CA PRO A 200 2.34 5.14 15.91
C PRO A 200 3.08 6.20 16.71
N PRO A 201 2.36 7.21 17.22
CA PRO A 201 0.92 7.43 17.10
C PRO A 201 0.35 7.99 15.78
N CYS A 202 1.18 8.07 14.75
CA CYS A 202 0.74 8.57 13.43
C CYS A 202 0.13 9.98 13.41
N ASN A 203 0.60 10.87 14.28
CA ASN A 203 0.06 12.22 14.30
C ASN A 203 0.19 12.93 12.95
N PRO A 204 -0.90 13.51 12.44
CA PRO A 204 -0.92 14.21 11.15
C PRO A 204 -0.36 15.63 11.33
N THR A 205 0.84 15.71 11.86
CA THR A 205 1.49 16.98 12.16
C THR A 205 2.83 17.18 11.46
N VAL A 206 3.07 16.39 10.41
CA VAL A 206 4.34 16.47 9.70
C VAL A 206 4.32 17.16 8.34
N LEU A 207 5.20 18.13 8.16
CA LEU A 207 5.33 18.79 6.87
C LEU A 207 6.44 17.98 6.21
N TRP A 208 6.10 17.22 5.18
CA TRP A 208 7.07 16.38 4.51
C TRP A 208 7.81 17.03 3.35
N THR A 209 9.10 16.73 3.27
CA THR A 209 9.94 17.19 2.19
C THR A 209 10.71 15.94 1.77
N VAL A 210 10.33 15.37 0.62
CA VAL A 210 11.00 14.18 0.12
C VAL A 210 11.87 14.64 -1.04
N PHE A 211 13.19 14.47 -0.92
CA PHE A 211 14.04 14.91 -2.00
C PHE A 211 13.83 14.09 -3.26
N ARG A 212 13.93 14.76 -4.41
CA ARG A 212 13.72 14.10 -5.69
C ARG A 212 14.75 13.03 -6.01
N ASN A 213 16.01 13.32 -5.77
CA ASN A 213 17.06 12.39 -6.10
C ASN A 213 17.47 11.49 -4.95
N PRO A 214 17.76 10.23 -5.25
CA PRO A 214 18.18 9.28 -4.21
C PRO A 214 19.69 9.33 -4.03
N VAL A 215 20.15 8.80 -2.90
CA VAL A 215 21.59 8.71 -2.66
C VAL A 215 21.88 7.23 -2.87
N GLN A 216 23.14 6.87 -2.97
CA GLN A 216 23.50 5.48 -3.15
C GLN A 216 24.36 4.98 -1.99
N ILE A 217 24.17 3.71 -1.65
CA ILE A 217 25.00 3.05 -0.63
C ILE A 217 25.32 1.71 -1.27
N SER A 218 26.43 1.09 -0.88
CA SER A 218 26.82 -0.18 -1.49
C SER A 218 25.96 -1.36 -1.10
N GLN A 219 26.10 -2.45 -1.85
CA GLN A 219 25.36 -3.67 -1.58
C GLN A 219 25.65 -4.10 -0.14
N GLU A 220 26.91 -4.03 0.24
CA GLU A 220 27.34 -4.42 1.58
C GLU A 220 26.71 -3.55 2.66
N GLN A 221 26.68 -2.24 2.43
CA GLN A 221 26.09 -1.32 3.40
C GLN A 221 24.61 -1.63 3.59
N LEU A 222 23.91 -1.88 2.48
CA LEU A 222 22.49 -2.18 2.55
C LEU A 222 22.27 -3.52 3.26
N LEU A 223 23.08 -4.52 2.94
CA LEU A 223 22.94 -5.82 3.58
C LEU A 223 23.19 -5.68 5.08
N ALA A 224 24.17 -4.88 5.47
CA ALA A 224 24.47 -4.68 6.88
C ALA A 224 23.26 -4.09 7.59
N LEU A 225 22.64 -3.09 6.98
CA LEU A 225 21.48 -2.45 7.57
C LEU A 225 20.34 -3.46 7.73
N GLU A 226 20.21 -4.34 6.74
CA GLU A 226 19.14 -5.35 6.71
C GLU A 226 19.39 -6.58 7.58
N THR A 227 20.60 -6.73 8.10
CA THR A 227 20.94 -7.92 8.88
C THR A 227 21.49 -7.71 10.29
N ALA A 228 22.07 -6.54 10.53
CA ALA A 228 22.70 -6.28 11.82
C ALA A 228 21.80 -6.06 13.01
N LEU A 229 20.53 -5.71 12.77
CA LEU A 229 19.64 -5.38 13.87
C LEU A 229 18.51 -6.34 14.21
N TYR A 230 18.18 -6.37 15.49
CA TYR A 230 17.10 -7.20 16.02
C TYR A 230 16.20 -6.29 16.86
N CYS A 231 14.90 -6.57 16.88
CA CYS A 231 13.98 -5.75 17.65
C CYS A 231 13.82 -6.29 19.06
N THR A 232 14.51 -7.40 19.33
CA THR A 232 14.48 -8.06 20.63
C THR A 232 15.74 -7.78 21.45
N HIS A 233 15.62 -7.92 22.77
CA HIS A 233 16.76 -7.70 23.66
C HIS A 233 17.80 -8.80 23.41
N MET A 234 19.05 -8.51 23.74
CA MET A 234 20.14 -9.46 23.51
C MET A 234 19.96 -10.80 24.22
N ASP A 235 19.44 -10.78 25.44
CA ASP A 235 19.25 -12.00 26.21
C ASP A 235 18.03 -12.81 25.82
N ASP A 236 17.26 -12.33 24.85
CA ASP A 236 16.07 -13.02 24.39
C ASP A 236 16.40 -14.34 23.69
N PRO A 237 15.90 -15.47 24.23
CA PRO A 237 16.14 -16.79 23.66
C PRO A 237 15.57 -16.97 22.24
N SER A 238 14.68 -16.06 21.85
CA SER A 238 14.05 -16.13 20.54
C SER A 238 14.21 -14.79 19.82
N PRO A 239 15.41 -14.51 19.30
CA PRO A 239 15.69 -13.26 18.58
C PRO A 239 14.77 -13.02 17.40
N ARG A 240 14.45 -11.76 17.14
CA ARG A 240 13.60 -11.38 16.02
C ARG A 240 14.35 -10.34 15.21
N GLU A 241 14.55 -10.61 13.93
CA GLU A 241 15.28 -9.70 13.06
C GLU A 241 14.50 -8.43 12.77
N MET A 242 15.19 -7.29 12.79
CA MET A 242 14.54 -6.01 12.50
C MET A 242 14.64 -5.83 11.00
N ILE A 243 13.57 -6.24 10.31
CA ILE A 243 13.50 -6.13 8.85
C ILE A 243 12.12 -5.63 8.44
N ASN A 244 12.02 -5.16 7.20
CA ASN A 244 10.76 -4.66 6.65
C ASN A 244 10.06 -3.70 7.61
N ASN A 245 10.82 -2.77 8.16
CA ASN A 245 10.27 -1.81 9.10
C ASN A 245 9.81 -0.53 8.39
N PHE A 246 8.90 -0.71 7.45
CA PHE A 246 8.34 0.41 6.68
C PHE A 246 6.84 0.24 6.62
N ARG A 247 6.12 1.34 6.55
CA ARG A 247 4.66 1.28 6.47
C ARG A 247 4.23 1.30 5.01
N GLN A 248 3.13 0.61 4.70
CA GLN A 248 2.61 0.57 3.34
C GLN A 248 2.11 1.96 2.98
N VAL A 249 2.10 2.29 1.69
CA VAL A 249 1.62 3.61 1.28
C VAL A 249 0.12 3.72 1.59
N GLN A 250 -0.31 4.94 1.91
CA GLN A 250 -1.69 5.23 2.27
C GLN A 250 -2.47 5.83 1.12
N LYS A 251 -3.80 5.76 1.19
CA LYS A 251 -4.65 6.36 0.16
C LYS A 251 -4.34 7.86 0.14
N PHE A 252 -4.34 8.45 -1.05
CA PHE A 252 -4.09 9.88 -1.20
C PHE A 252 -5.06 10.37 -2.26
N ASP A 253 -6.22 10.84 -1.82
CA ASP A 253 -7.25 11.30 -2.74
C ASP A 253 -7.72 12.73 -2.51
N GLU A 254 -8.16 13.38 -3.59
CA GLU A 254 -8.65 14.75 -3.57
C GLU A 254 -7.52 15.71 -3.22
N ARG A 255 -6.29 15.23 -3.26
CA ARG A 255 -5.15 16.06 -2.91
C ARG A 255 -4.02 16.06 -3.93
N LEU A 256 -3.05 16.94 -3.70
CA LEU A 256 -1.89 17.06 -4.58
C LEU A 256 -0.61 17.18 -3.79
N VAL A 257 0.46 16.63 -4.37
CA VAL A 257 1.80 16.75 -3.79
C VAL A 257 2.43 17.78 -4.71
N TYR A 258 3.04 18.82 -4.14
CA TYR A 258 3.68 19.83 -4.97
C TYR A 258 5.17 19.58 -5.08
N THR A 259 5.72 19.89 -6.25
CA THR A 259 7.13 19.68 -6.50
C THR A 259 7.83 21.00 -6.82
N SER A 260 9.11 21.08 -6.48
CA SER A 260 9.89 22.27 -6.74
C SER A 260 10.57 22.15 -8.09
N PHE A 261 10.23 21.09 -8.81
CA PHE A 261 10.79 20.82 -10.14
C PHE A 261 9.65 20.51 -11.11
N SER A 262 9.85 20.81 -12.39
CA SER A 262 8.81 20.56 -13.39
C SER A 262 8.86 19.14 -13.94
N LYS B 3 -20.68 -1.51 10.35
CA LYS B 3 -20.44 -1.26 8.90
C LYS B 3 -18.98 -0.94 8.63
N TRP B 4 -18.62 -0.86 7.36
CA TRP B 4 -17.26 -0.55 6.95
C TRP B 4 -17.27 0.23 5.64
N THR B 5 -16.18 0.93 5.37
CA THR B 5 -16.06 1.72 4.15
C THR B 5 -14.60 1.69 3.70
N TYR B 6 -14.31 2.38 2.60
CA TYR B 6 -12.95 2.46 2.09
C TYR B 6 -12.33 3.78 2.49
N PHE B 7 -13.10 4.63 3.14
CA PHE B 7 -12.61 5.94 3.58
C PHE B 7 -13.31 6.36 4.87
N GLY B 8 -12.61 7.13 5.70
CA GLY B 8 -13.19 7.58 6.95
C GLY B 8 -12.76 6.77 8.14
N PRO B 9 -13.36 7.00 9.32
CA PRO B 9 -13.02 6.27 10.54
C PRO B 9 -13.28 4.76 10.42
N ASP B 10 -14.10 4.39 9.44
CA ASP B 10 -14.41 2.99 9.21
C ASP B 10 -13.65 2.52 7.98
N GLY B 11 -12.60 3.27 7.63
CA GLY B 11 -11.78 2.95 6.48
C GLY B 11 -10.93 1.71 6.72
N GLU B 12 -10.19 1.30 5.69
CA GLU B 12 -9.38 0.10 5.75
C GLU B 12 -8.38 -0.03 6.90
N ASN B 13 -7.84 1.08 7.40
CA ASN B 13 -6.89 0.97 8.52
C ASN B 13 -7.61 0.63 9.81
N SER B 14 -8.93 0.77 9.79
CA SER B 14 -9.73 0.50 10.97
C SER B 14 -10.55 -0.79 10.89
N TRP B 15 -10.50 -1.48 9.76
CA TRP B 15 -11.26 -2.71 9.60
C TRP B 15 -10.99 -3.75 10.69
N SER B 16 -9.73 -3.88 11.08
CA SER B 16 -9.33 -4.85 12.08
C SER B 16 -10.00 -4.65 13.44
N LYS B 17 -10.56 -3.46 13.65
CA LYS B 17 -11.25 -3.17 14.90
C LYS B 17 -12.48 -4.06 15.06
N LYS B 18 -13.19 -4.28 13.97
CA LYS B 18 -14.40 -5.09 13.99
C LYS B 18 -14.18 -6.46 13.35
N TYR B 19 -13.30 -6.51 12.36
CA TYR B 19 -13.01 -7.75 11.65
C TYR B 19 -11.55 -8.18 11.85
N PRO B 20 -11.29 -8.99 12.88
CA PRO B 20 -9.96 -9.50 13.23
C PRO B 20 -9.10 -10.00 12.09
N SER B 21 -9.68 -10.75 11.18
CA SER B 21 -8.91 -11.29 10.06
C SER B 21 -8.29 -10.22 9.17
N CYS B 22 -8.86 -9.01 9.17
CA CYS B 22 -8.31 -7.95 8.34
C CYS B 22 -6.93 -7.52 8.84
N GLY B 23 -6.60 -7.91 10.07
CA GLY B 23 -5.29 -7.58 10.64
C GLY B 23 -4.48 -8.85 10.81
N GLY B 24 -4.96 -9.93 10.21
CA GLY B 24 -4.29 -11.21 10.31
C GLY B 24 -3.34 -11.51 9.16
N LEU B 25 -3.07 -12.80 8.96
CA LEU B 25 -2.15 -13.23 7.91
C LEU B 25 -2.82 -13.41 6.55
N LEU B 26 -1.97 -13.63 5.55
CA LEU B 26 -2.40 -13.87 4.17
C LEU B 26 -3.37 -12.85 3.59
N GLN B 27 -3.16 -11.57 3.89
CA GLN B 27 -4.04 -10.53 3.39
C GLN B 27 -3.75 -10.12 1.95
N SER B 28 -4.83 -9.86 1.21
CA SER B 28 -4.78 -9.44 -0.19
C SER B 28 -5.37 -8.02 -0.23
N PRO B 29 -5.11 -7.27 -1.32
CA PRO B 29 -4.34 -7.60 -2.52
C PRO B 29 -2.84 -7.42 -2.27
N ILE B 30 -2.03 -7.79 -3.26
CA ILE B 30 -0.59 -7.67 -3.13
C ILE B 30 0.02 -7.14 -4.42
N ASP B 31 1.30 -6.78 -4.36
CA ASP B 31 2.00 -6.30 -5.54
C ASP B 31 2.68 -7.53 -6.14
N LEU B 32 2.36 -7.81 -7.39
CA LEU B 32 2.92 -8.95 -8.07
C LEU B 32 4.23 -8.50 -8.71
N HIS B 33 5.32 -8.73 -8.00
CA HIS B 33 6.66 -8.34 -8.47
C HIS B 33 7.67 -9.47 -8.34
N SER B 34 8.61 -9.50 -9.27
CA SER B 34 9.65 -10.53 -9.34
C SER B 34 10.16 -11.11 -8.02
N ASP B 35 10.50 -10.25 -7.06
CA ASP B 35 11.02 -10.68 -5.77
C ASP B 35 10.23 -11.78 -5.07
N ILE B 36 8.93 -11.87 -5.34
CA ILE B 36 8.10 -12.88 -4.70
C ILE B 36 7.46 -13.88 -5.66
N LEU B 37 7.84 -13.79 -6.94
CA LEU B 37 7.31 -14.67 -7.98
C LEU B 37 8.13 -15.94 -8.20
N GLN B 38 7.49 -16.97 -8.75
CA GLN B 38 8.17 -18.23 -9.04
C GLN B 38 7.40 -19.02 -10.10
N TYR B 39 8.06 -19.31 -11.23
CA TYR B 39 7.42 -20.06 -12.31
C TYR B 39 7.12 -21.50 -11.91
N ASP B 40 5.91 -21.96 -12.22
CA ASP B 40 5.49 -23.33 -11.89
C ASP B 40 4.80 -23.98 -13.08
N ALA B 41 5.37 -25.09 -13.55
CA ALA B 41 4.83 -25.82 -14.70
C ALA B 41 3.57 -26.61 -14.38
N SER B 42 3.28 -26.81 -13.10
CA SER B 42 2.10 -27.56 -12.69
C SER B 42 0.84 -26.71 -12.84
N LEU B 43 1.03 -25.41 -13.05
CA LEU B 43 -0.10 -24.50 -13.20
C LEU B 43 -0.63 -24.55 -14.62
N THR B 44 -1.46 -25.56 -14.87
CA THR B 44 -2.06 -25.77 -16.19
C THR B 44 -3.26 -24.86 -16.39
N PRO B 45 -3.72 -24.72 -17.65
CA PRO B 45 -4.86 -23.87 -17.98
C PRO B 45 -6.15 -24.25 -17.28
N LEU B 46 -6.91 -23.24 -16.86
CA LEU B 46 -8.18 -23.47 -16.21
C LEU B 46 -9.24 -23.52 -17.30
N GLU B 47 -10.32 -24.26 -17.04
CA GLU B 47 -11.41 -24.35 -17.99
C GLU B 47 -12.60 -23.67 -17.31
N PHE B 48 -13.27 -22.80 -18.05
CA PHE B 48 -14.42 -22.09 -17.52
C PHE B 48 -15.66 -22.71 -18.12
N GLN B 49 -16.36 -23.49 -17.31
CA GLN B 49 -17.56 -24.20 -17.76
C GLN B 49 -18.85 -23.58 -17.22
N GLY B 50 -19.87 -23.56 -18.08
CA GLY B 50 -21.15 -23.01 -17.68
C GLY B 50 -21.13 -21.49 -17.66
N TYR B 51 -20.09 -20.90 -18.24
CA TYR B 51 -19.96 -19.44 -18.28
C TYR B 51 -20.85 -18.77 -19.32
N ASN B 52 -21.31 -19.54 -20.30
CA ASN B 52 -22.18 -18.96 -21.33
C ASN B 52 -23.61 -18.98 -20.80
N LEU B 53 -23.93 -17.98 -20.00
CA LEU B 53 -25.25 -17.85 -19.39
C LEU B 53 -26.34 -17.61 -20.41
N SER B 54 -27.44 -18.35 -20.27
CA SER B 54 -28.57 -18.23 -21.17
C SER B 54 -29.09 -16.81 -21.26
N ALA B 55 -29.21 -16.32 -22.50
CA ALA B 55 -29.71 -14.98 -22.74
C ALA B 55 -31.20 -14.92 -22.39
N ASN B 56 -31.78 -16.09 -22.20
CA ASN B 56 -33.20 -16.21 -21.87
C ASN B 56 -33.42 -16.29 -20.36
N LYS B 57 -32.41 -15.87 -19.60
CA LYS B 57 -32.48 -15.87 -18.14
C LYS B 57 -31.95 -14.54 -17.63
N GLN B 58 -32.44 -14.10 -16.48
CA GLN B 58 -32.02 -12.83 -15.89
C GLN B 58 -31.15 -13.04 -14.65
N PHE B 59 -30.13 -12.21 -14.52
CA PHE B 59 -29.23 -12.31 -13.38
C PHE B 59 -29.23 -10.98 -12.62
N LEU B 60 -29.30 -11.07 -11.30
CA LEU B 60 -29.38 -9.89 -10.45
C LEU B 60 -28.12 -9.05 -10.28
N LEU B 61 -28.24 -7.79 -10.65
CA LEU B 61 -27.15 -6.82 -10.53
C LEU B 61 -27.54 -5.96 -9.33
N THR B 62 -26.59 -5.72 -8.43
CA THR B 62 -26.90 -4.95 -7.23
C THR B 62 -25.82 -3.95 -6.83
N ASN B 63 -26.25 -2.84 -6.26
CA ASN B 63 -25.33 -1.83 -5.74
C ASN B 63 -25.46 -2.04 -4.23
N ASN B 64 -24.43 -2.63 -3.62
CA ASN B 64 -24.48 -2.88 -2.19
C ASN B 64 -23.80 -1.82 -1.33
N GLY B 65 -23.49 -0.68 -1.96
CA GLY B 65 -22.84 0.40 -1.24
C GLY B 65 -21.33 0.31 -1.23
N HIS B 66 -20.79 -0.81 -1.69
CA HIS B 66 -19.34 -1.00 -1.73
C HIS B 66 -18.86 -1.20 -3.16
N SER B 67 -19.72 -1.78 -4.00
CA SER B 67 -19.38 -2.05 -5.38
C SER B 67 -20.66 -2.39 -6.14
N VAL B 68 -20.53 -2.72 -7.42
CA VAL B 68 -21.67 -3.15 -8.22
C VAL B 68 -21.42 -4.65 -8.36
N LYS B 69 -22.39 -5.45 -7.93
CA LYS B 69 -22.24 -6.90 -7.94
C LYS B 69 -23.29 -7.61 -8.79
N LEU B 70 -22.86 -8.63 -9.52
CA LEU B 70 -23.75 -9.42 -10.36
C LEU B 70 -23.78 -10.83 -9.77
N ASN B 71 -24.97 -11.31 -9.41
CA ASN B 71 -25.09 -12.66 -8.86
C ASN B 71 -24.92 -13.67 -9.99
N LEU B 72 -24.17 -14.73 -9.71
CA LEU B 72 -23.92 -15.77 -10.69
C LEU B 72 -24.46 -17.10 -10.21
N PRO B 73 -24.86 -17.99 -11.13
CA PRO B 73 -25.40 -19.29 -10.77
C PRO B 73 -24.31 -20.31 -10.47
N SER B 74 -24.57 -21.19 -9.51
CA SER B 74 -23.61 -22.21 -9.14
C SER B 74 -23.38 -23.22 -10.26
N ASP B 75 -24.11 -23.03 -11.36
CA ASP B 75 -23.98 -23.89 -12.52
C ASP B 75 -22.66 -23.63 -13.20
N MET B 76 -22.15 -22.41 -13.10
CA MET B 76 -20.86 -22.12 -13.70
C MET B 76 -19.76 -22.44 -12.70
N HIS B 77 -18.67 -23.00 -13.20
CA HIS B 77 -17.57 -23.34 -12.32
C HIS B 77 -16.24 -23.41 -13.04
N ILE B 78 -15.19 -23.41 -12.24
CA ILE B 78 -13.84 -23.50 -12.75
C ILE B 78 -13.42 -24.96 -12.73
N GLN B 79 -12.77 -25.38 -13.81
CA GLN B 79 -12.27 -26.73 -13.95
C GLN B 79 -10.76 -26.61 -14.09
N GLY B 80 -10.02 -27.48 -13.42
CA GLY B 80 -8.58 -27.41 -13.51
C GLY B 80 -7.92 -27.35 -12.14
N LEU B 81 -8.68 -26.98 -11.12
CA LEU B 81 -8.14 -26.91 -9.78
C LEU B 81 -8.40 -28.24 -9.08
N GLN B 82 -7.79 -28.42 -7.91
CA GLN B 82 -7.94 -29.64 -7.12
C GLN B 82 -9.42 -29.99 -6.89
N SER B 83 -10.19 -28.98 -6.48
CA SER B 83 -11.62 -29.16 -6.24
C SER B 83 -12.37 -28.33 -7.25
N ARG B 84 -13.67 -28.59 -7.40
CA ARG B 84 -14.47 -27.78 -8.30
C ARG B 84 -14.88 -26.55 -7.51
N TYR B 85 -14.80 -25.38 -8.13
CA TYR B 85 -15.22 -24.15 -7.47
C TYR B 85 -16.36 -23.60 -8.31
N SER B 86 -17.51 -23.39 -7.67
CA SER B 86 -18.70 -22.88 -8.36
C SER B 86 -18.85 -21.38 -8.12
N ALA B 87 -19.28 -20.66 -9.15
CA ALA B 87 -19.43 -19.22 -9.06
C ALA B 87 -20.54 -18.78 -8.11
N THR B 88 -20.37 -17.60 -7.52
CA THR B 88 -21.38 -17.03 -6.64
C THR B 88 -21.68 -15.59 -7.05
N GLN B 89 -20.65 -14.82 -7.42
CA GLN B 89 -20.87 -13.43 -7.82
C GLN B 89 -19.62 -12.79 -8.38
N LEU B 90 -19.80 -11.67 -9.08
CA LEU B 90 -18.68 -10.92 -9.61
C LEU B 90 -18.93 -9.46 -9.26
N HIS B 91 -17.86 -8.69 -9.16
CA HIS B 91 -17.95 -7.27 -8.83
C HIS B 91 -16.67 -6.57 -9.29
N LEU B 92 -16.65 -5.25 -9.17
CA LEU B 92 -15.51 -4.47 -9.61
C LEU B 92 -14.94 -3.52 -8.57
N HIS B 93 -13.74 -3.03 -8.84
CA HIS B 93 -13.03 -2.09 -7.98
C HIS B 93 -12.44 -1.03 -8.91
N TRP B 94 -12.53 0.23 -8.52
CA TRP B 94 -12.00 1.30 -9.36
C TRP B 94 -11.52 2.51 -8.57
N GLY B 95 -10.95 3.48 -9.29
CA GLY B 95 -10.43 4.69 -8.65
C GLY B 95 -11.34 5.88 -8.80
N ASN B 96 -10.84 6.94 -9.44
CA ASN B 96 -11.62 8.15 -9.66
C ASN B 96 -11.09 8.87 -10.89
N PRO B 97 -11.88 9.80 -11.46
CA PRO B 97 -11.45 10.53 -12.66
C PRO B 97 -10.10 11.24 -12.59
N ASN B 98 -9.79 11.86 -11.45
CA ASN B 98 -8.53 12.59 -11.29
C ASN B 98 -7.31 11.68 -11.08
N ASP B 99 -7.56 10.43 -10.72
CA ASP B 99 -6.50 9.46 -10.46
C ASP B 99 -7.11 8.08 -10.76
N PRO B 100 -7.32 7.77 -12.07
CA PRO B 100 -7.90 6.53 -12.58
C PRO B 100 -7.04 5.28 -12.53
N HIS B 101 -6.61 4.92 -11.32
CA HIS B 101 -5.76 3.74 -11.11
C HIS B 101 -6.27 3.06 -9.86
N GLY B 102 -7.39 2.36 -10.01
CA GLY B 102 -8.01 1.72 -8.86
C GLY B 102 -8.08 0.21 -8.80
N SER B 103 -7.16 -0.48 -9.46
CA SER B 103 -7.15 -1.94 -9.38
C SER B 103 -6.71 -2.24 -7.95
N GLU B 104 -6.89 -3.48 -7.52
CA GLU B 104 -6.47 -3.86 -6.18
C GLU B 104 -5.06 -4.41 -6.25
N HIS B 105 -4.84 -5.38 -7.12
CA HIS B 105 -3.50 -5.93 -7.29
C HIS B 105 -2.71 -4.99 -8.18
N THR B 106 -1.39 -4.98 -7.99
CA THR B 106 -0.51 -4.16 -8.81
C THR B 106 0.50 -5.11 -9.43
N VAL B 107 1.10 -4.71 -10.54
CA VAL B 107 2.13 -5.53 -11.19
C VAL B 107 3.37 -4.66 -11.28
N SER B 108 4.44 -5.10 -10.64
CA SER B 108 5.68 -4.32 -10.61
C SER B 108 5.38 -2.91 -10.11
N GLY B 109 4.57 -2.86 -9.06
CA GLY B 109 4.20 -1.59 -8.43
C GLY B 109 3.16 -0.75 -9.17
N GLN B 110 2.77 -1.19 -10.35
CA GLN B 110 1.80 -0.42 -11.12
C GLN B 110 0.34 -0.84 -10.94
N HIS B 111 -0.50 0.15 -10.71
CA HIS B 111 -1.92 -0.06 -10.55
C HIS B 111 -2.53 -0.03 -11.95
N PHE B 112 -3.64 -0.72 -12.14
CA PHE B 112 -4.34 -0.67 -13.41
C PHE B 112 -5.56 0.18 -13.13
N ALA B 113 -6.30 0.55 -14.17
CA ALA B 113 -7.48 1.39 -14.01
C ALA B 113 -8.54 0.79 -13.10
N ALA B 114 -8.77 -0.51 -13.24
CA ALA B 114 -9.78 -1.18 -12.44
C ALA B 114 -9.49 -2.67 -12.35
N GLU B 115 -10.35 -3.38 -11.64
CA GLU B 115 -10.17 -4.82 -11.49
C GLU B 115 -11.51 -5.51 -11.30
N LEU B 116 -11.65 -6.66 -11.97
CA LEU B 116 -12.85 -7.46 -11.91
C LEU B 116 -12.56 -8.71 -11.09
N HIS B 117 -13.47 -9.05 -10.19
CA HIS B 117 -13.33 -10.25 -9.36
C HIS B 117 -14.52 -11.16 -9.59
N ILE B 118 -14.23 -12.40 -9.95
CA ILE B 118 -15.28 -13.39 -10.15
C ILE B 118 -15.06 -14.39 -9.02
N VAL B 119 -15.92 -14.32 -8.01
CA VAL B 119 -15.81 -15.16 -6.83
C VAL B 119 -16.49 -16.52 -6.97
N HIS B 120 -15.78 -17.54 -6.53
CA HIS B 120 -16.27 -18.93 -6.56
C HIS B 120 -16.03 -19.57 -5.19
N TYR B 121 -16.81 -20.60 -4.87
CA TYR B 121 -16.64 -21.29 -3.59
C TYR B 121 -16.41 -22.78 -3.87
N ASN B 122 -15.75 -23.45 -2.93
CA ASN B 122 -15.46 -24.87 -3.08
C ASN B 122 -16.76 -25.66 -2.86
N SER B 123 -17.42 -26.01 -3.95
CA SER B 123 -18.67 -26.76 -3.86
C SER B 123 -18.48 -28.25 -3.61
N ASP B 124 -17.25 -28.73 -3.71
CA ASP B 124 -17.00 -30.15 -3.43
C ASP B 124 -16.97 -30.32 -1.91
N LEU B 125 -16.37 -29.34 -1.22
CA LEU B 125 -16.27 -29.41 0.24
C LEU B 125 -17.41 -28.74 1.00
N TYR B 126 -17.97 -27.68 0.43
CA TYR B 126 -19.03 -26.94 1.10
C TYR B 126 -20.30 -26.79 0.28
N PRO B 127 -21.45 -26.69 0.96
CA PRO B 127 -22.77 -26.54 0.35
C PRO B 127 -23.07 -25.21 -0.31
N ASP B 128 -22.46 -24.14 0.19
CA ASP B 128 -22.70 -22.81 -0.35
C ASP B 128 -21.55 -21.85 -0.05
N ALA B 129 -21.58 -20.69 -0.70
CA ALA B 129 -20.55 -19.68 -0.52
C ALA B 129 -20.44 -19.18 0.91
N SER B 130 -21.57 -18.95 1.56
CA SER B 130 -21.56 -18.46 2.94
C SER B 130 -20.83 -19.40 3.89
N THR B 131 -21.11 -20.69 3.76
CA THR B 131 -20.49 -21.70 4.60
C THR B 131 -19.00 -21.82 4.28
N ALA B 132 -18.66 -21.74 2.99
CA ALA B 132 -17.29 -21.87 2.54
C ALA B 132 -16.38 -20.69 2.85
N SER B 133 -16.95 -19.49 2.89
CA SER B 133 -16.19 -18.26 3.09
C SER B 133 -15.11 -18.21 4.18
N ASN B 134 -15.36 -18.81 5.34
CA ASN B 134 -14.39 -18.76 6.42
C ASN B 134 -13.78 -20.12 6.72
N LYS B 135 -13.77 -21.00 5.72
CA LYS B 135 -13.21 -22.34 5.92
C LYS B 135 -12.07 -22.68 4.96
N SER B 136 -11.26 -23.66 5.35
CA SER B 136 -10.11 -24.10 4.57
C SER B 136 -10.43 -24.44 3.12
N GLU B 137 -9.64 -23.88 2.20
CA GLU B 137 -9.81 -24.11 0.76
C GLU B 137 -11.22 -23.72 0.32
N GLY B 138 -11.82 -22.76 1.02
CA GLY B 138 -13.17 -22.36 0.72
C GLY B 138 -13.48 -21.55 -0.51
N LEU B 139 -12.59 -20.65 -0.90
CA LEU B 139 -12.85 -19.79 -2.06
C LEU B 139 -11.75 -19.76 -3.12
N ALA B 140 -12.16 -19.41 -4.34
CA ALA B 140 -11.25 -19.26 -5.47
C ALA B 140 -11.78 -18.04 -6.20
N VAL B 141 -10.92 -17.07 -6.45
CA VAL B 141 -11.33 -15.85 -7.13
C VAL B 141 -10.49 -15.62 -8.36
N LEU B 142 -11.15 -15.23 -9.45
CA LEU B 142 -10.46 -14.91 -10.69
C LEU B 142 -10.38 -13.39 -10.73
N ALA B 143 -9.21 -12.86 -10.99
CA ALA B 143 -9.03 -11.41 -11.05
C ALA B 143 -8.59 -10.98 -12.44
N VAL B 144 -9.31 -10.01 -13.00
CA VAL B 144 -8.99 -9.49 -14.32
C VAL B 144 -8.59 -8.02 -14.18
N LEU B 145 -7.37 -7.71 -14.59
CA LEU B 145 -6.89 -6.34 -14.54
C LEU B 145 -7.49 -5.58 -15.71
N ILE B 146 -7.91 -4.34 -15.45
CA ILE B 146 -8.54 -3.52 -16.49
C ILE B 146 -7.80 -2.22 -16.76
N GLU B 147 -7.57 -1.92 -18.03
CA GLU B 147 -6.89 -0.68 -18.40
C GLU B 147 -7.70 0.05 -19.46
N MET B 148 -7.46 1.35 -19.57
CA MET B 148 -8.17 2.18 -20.53
C MET B 148 -7.65 1.88 -21.93
N GLY B 149 -8.56 1.72 -22.88
CA GLY B 149 -8.18 1.43 -24.25
C GLY B 149 -9.37 1.40 -25.18
N SER B 150 -9.45 0.37 -26.00
CA SER B 150 -10.55 0.24 -26.96
C SER B 150 -11.86 -0.14 -26.28
N PHE B 151 -12.97 0.31 -26.86
CA PHE B 151 -14.30 0.01 -26.33
C PHE B 151 -14.45 -1.49 -26.19
N ASN B 152 -15.07 -1.93 -25.10
CA ASN B 152 -15.25 -3.36 -24.86
C ASN B 152 -16.75 -3.69 -24.83
N PRO B 153 -17.26 -4.29 -25.92
CA PRO B 153 -18.68 -4.66 -26.00
C PRO B 153 -19.13 -5.63 -24.91
N SER B 154 -18.27 -6.56 -24.53
CA SER B 154 -18.62 -7.53 -23.51
C SER B 154 -18.80 -6.90 -22.14
N TYR B 155 -17.89 -6.03 -21.74
CA TYR B 155 -18.04 -5.37 -20.45
C TYR B 155 -19.22 -4.41 -20.45
N ASP B 156 -19.60 -3.93 -21.63
CA ASP B 156 -20.72 -3.02 -21.69
C ASP B 156 -22.03 -3.76 -21.44
N LYS B 157 -21.99 -5.08 -21.53
CA LYS B 157 -23.18 -5.87 -21.29
C LYS B 157 -23.54 -5.72 -19.81
N ILE B 158 -22.60 -5.16 -19.05
CA ILE B 158 -22.81 -4.90 -17.63
C ILE B 158 -22.91 -3.40 -17.40
N PHE B 159 -21.97 -2.64 -17.97
CA PHE B 159 -21.95 -1.20 -17.81
C PHE B 159 -23.22 -0.51 -18.31
N SER B 160 -23.85 -1.08 -19.34
CA SER B 160 -25.07 -0.48 -19.88
C SER B 160 -26.22 -0.47 -18.87
N HIS B 161 -26.05 -1.20 -17.77
CA HIS B 161 -27.07 -1.27 -16.73
C HIS B 161 -26.73 -0.46 -15.47
N LEU B 162 -25.57 0.19 -15.46
CA LEU B 162 -25.15 0.96 -14.28
C LEU B 162 -26.13 1.99 -13.73
N GLN B 163 -26.80 2.76 -14.58
CA GLN B 163 -27.72 3.77 -14.06
C GLN B 163 -28.90 3.14 -13.31
N HIS B 164 -29.19 1.88 -13.62
CA HIS B 164 -30.28 1.14 -12.98
C HIS B 164 -29.94 0.77 -11.53
N VAL B 165 -28.65 0.80 -11.20
CA VAL B 165 -28.21 0.50 -9.85
C VAL B 165 -27.34 1.64 -9.35
N LYS B 166 -27.74 2.86 -9.71
CA LYS B 166 -27.00 4.05 -9.34
C LYS B 166 -26.82 4.24 -7.83
N TYR B 167 -27.86 3.92 -7.05
CA TYR B 167 -27.79 4.09 -5.60
C TYR B 167 -27.74 2.80 -4.81
N LYS B 168 -27.25 2.91 -3.59
CA LYS B 168 -27.13 1.76 -2.70
C LYS B 168 -28.48 1.11 -2.49
N GLY B 169 -28.50 -0.22 -2.50
CA GLY B 169 -29.73 -0.95 -2.30
C GLY B 169 -30.52 -1.24 -3.56
N GLN B 170 -30.22 -0.53 -4.64
CA GLN B 170 -30.93 -0.73 -5.89
C GLN B 170 -30.50 -2.01 -6.60
N GLU B 171 -31.42 -2.59 -7.36
CA GLU B 171 -31.18 -3.82 -8.10
C GLU B 171 -31.68 -3.70 -9.54
N ALA B 172 -31.09 -4.49 -10.43
CA ALA B 172 -31.48 -4.50 -11.83
C ALA B 172 -31.26 -5.89 -12.41
N PHE B 173 -31.91 -6.17 -13.53
CA PHE B 173 -31.79 -7.46 -14.19
C PHE B 173 -30.89 -7.39 -15.42
N VAL B 174 -29.96 -8.32 -15.51
CA VAL B 174 -29.05 -8.37 -16.64
C VAL B 174 -29.21 -9.69 -17.37
N PRO B 175 -29.57 -9.64 -18.66
CA PRO B 175 -29.74 -10.87 -19.44
C PRO B 175 -28.43 -11.64 -19.46
N GLY B 176 -28.51 -12.96 -19.47
CA GLY B 176 -27.30 -13.76 -19.48
C GLY B 176 -26.47 -13.56 -20.73
N PHE B 177 -25.15 -13.60 -20.56
CA PHE B 177 -24.23 -13.47 -21.67
C PHE B 177 -23.02 -14.32 -21.31
N ASN B 178 -22.10 -14.51 -22.25
CA ASN B 178 -20.93 -15.33 -21.99
C ASN B 178 -19.92 -14.61 -21.10
N ILE B 179 -19.90 -15.00 -19.82
CA ILE B 179 -19.00 -14.40 -18.85
C ILE B 179 -17.52 -14.56 -19.22
N GLU B 180 -17.24 -15.56 -20.04
CA GLU B 180 -15.86 -15.80 -20.46
C GLU B 180 -15.37 -14.64 -21.33
N GLU B 181 -16.32 -13.86 -21.85
CA GLU B 181 -16.00 -12.70 -22.68
C GLU B 181 -15.32 -11.60 -21.87
N LEU B 182 -15.43 -11.69 -20.55
CA LEU B 182 -14.83 -10.70 -19.64
C LEU B 182 -13.39 -11.03 -19.32
N LEU B 183 -12.97 -12.25 -19.63
CA LEU B 183 -11.60 -12.68 -19.37
C LEU B 183 -10.66 -12.16 -20.44
N PRO B 184 -9.38 -11.97 -20.10
CA PRO B 184 -8.37 -11.48 -21.03
C PRO B 184 -7.80 -12.56 -21.93
N GLU B 185 -6.93 -12.17 -22.85
CA GLU B 185 -6.30 -13.11 -23.76
C GLU B 185 -5.27 -13.93 -22.99
N ARG B 186 -4.95 -15.11 -23.51
CA ARG B 186 -3.97 -15.98 -22.86
C ARG B 186 -4.30 -16.23 -21.39
N THR B 187 -5.51 -16.70 -21.10
CA THR B 187 -5.90 -16.97 -19.72
C THR B 187 -5.02 -18.04 -19.10
N ALA B 188 -4.28 -18.75 -19.95
CA ALA B 188 -3.38 -19.80 -19.46
C ALA B 188 -2.24 -19.16 -18.66
N GLU B 189 -2.02 -17.87 -18.89
CA GLU B 189 -0.98 -17.11 -18.20
C GLU B 189 -1.56 -16.36 -17.02
N TYR B 190 -1.15 -16.73 -15.82
CA TYR B 190 -1.67 -16.10 -14.61
C TYR B 190 -0.75 -16.20 -13.40
N TYR B 191 -1.06 -15.39 -12.40
CA TYR B 191 -0.33 -15.40 -11.14
C TYR B 191 -1.25 -16.19 -10.20
N ARG B 192 -0.64 -17.01 -9.35
CA ARG B 192 -1.39 -17.83 -8.41
C ARG B 192 -0.81 -17.72 -7.00
N TYR B 193 -1.67 -17.45 -6.02
CA TYR B 193 -1.20 -17.36 -4.65
C TYR B 193 -2.35 -17.50 -3.66
N ARG B 194 -2.03 -17.89 -2.44
CA ARG B 194 -3.04 -18.07 -1.40
C ARG B 194 -3.16 -16.75 -0.62
N GLY B 195 -4.36 -16.19 -0.62
CA GLY B 195 -4.60 -14.93 0.06
C GLY B 195 -5.93 -14.84 0.78
N SER B 196 -6.52 -13.66 0.75
CA SER B 196 -7.76 -13.40 1.45
C SER B 196 -8.78 -12.58 0.66
N LEU B 197 -9.95 -12.41 1.27
CA LEU B 197 -10.98 -11.56 0.69
C LEU B 197 -10.36 -10.18 0.88
N THR B 198 -10.62 -9.27 -0.05
CA THR B 198 -10.06 -7.92 0.07
C THR B 198 -11.02 -6.93 0.71
N THR B 199 -12.10 -7.45 1.29
CA THR B 199 -13.07 -6.63 1.99
C THR B 199 -13.40 -7.40 3.26
N PRO B 200 -13.88 -6.71 4.30
CA PRO B 200 -14.21 -7.43 5.53
C PRO B 200 -15.19 -8.55 5.16
N PRO B 201 -15.15 -9.69 5.87
CA PRO B 201 -14.27 -10.03 6.99
C PRO B 201 -12.81 -10.38 6.70
N CYS B 202 -12.37 -10.22 5.44
CA CYS B 202 -10.99 -10.49 5.06
C CYS B 202 -10.49 -11.91 5.36
N ASN B 203 -11.37 -12.89 5.28
CA ASN B 203 -10.96 -14.26 5.57
C ASN B 203 -9.83 -14.71 4.66
N PRO B 204 -8.75 -15.31 5.22
CA PRO B 204 -7.59 -15.79 4.47
C PRO B 204 -7.89 -17.17 3.87
N THR B 205 -8.94 -17.22 3.07
CA THR B 205 -9.39 -18.48 2.48
C THR B 205 -9.51 -18.46 0.97
N VAL B 206 -8.86 -17.48 0.33
CA VAL B 206 -8.96 -17.34 -1.11
C VAL B 206 -7.77 -17.81 -1.93
N LEU B 207 -8.04 -18.68 -2.90
CA LEU B 207 -6.99 -19.12 -3.81
C LEU B 207 -7.13 -18.14 -4.96
N TRP B 208 -6.16 -17.24 -5.10
CA TRP B 208 -6.20 -16.22 -6.13
C TRP B 208 -5.59 -16.62 -7.47
N THR B 209 -6.27 -16.21 -8.53
CA THR B 209 -5.78 -16.42 -9.89
C THR B 209 -5.93 -15.06 -10.55
N VAL B 210 -4.82 -14.35 -10.70
CA VAL B 210 -4.83 -13.03 -11.32
C VAL B 210 -4.26 -13.21 -12.71
N PHE B 211 -5.09 -13.00 -13.73
CA PHE B 211 -4.60 -13.17 -15.09
C PHE B 211 -3.51 -12.16 -15.40
N ARG B 212 -2.45 -12.65 -16.05
CA ARG B 212 -1.31 -11.83 -16.41
C ARG B 212 -1.65 -10.65 -17.29
N ASN B 213 -2.48 -10.90 -18.30
CA ASN B 213 -2.84 -9.87 -19.26
C ASN B 213 -4.13 -9.15 -18.94
N PRO B 214 -4.13 -7.82 -19.06
CA PRO B 214 -5.33 -7.03 -18.77
C PRO B 214 -6.29 -6.94 -19.95
N VAL B 215 -7.52 -6.51 -19.68
CA VAL B 215 -8.50 -6.32 -20.73
C VAL B 215 -8.57 -4.82 -20.87
N GLN B 216 -9.20 -4.34 -21.93
CA GLN B 216 -9.32 -2.91 -22.15
C GLN B 216 -10.76 -2.48 -22.24
N ILE B 217 -11.03 -1.27 -21.75
CA ILE B 217 -12.36 -0.67 -21.83
C ILE B 217 -12.06 0.77 -22.21
N SER B 218 -13.00 1.42 -22.91
CA SER B 218 -12.78 2.79 -23.35
C SER B 218 -12.79 3.83 -22.23
N GLN B 219 -12.21 5.00 -22.50
CA GLN B 219 -12.18 6.07 -21.51
C GLN B 219 -13.61 6.37 -21.06
N GLU B 220 -14.54 6.28 -22.01
CA GLU B 220 -15.95 6.54 -21.72
C GLU B 220 -16.52 5.50 -20.76
N GLN B 221 -16.18 4.23 -20.99
CA GLN B 221 -16.66 3.16 -20.12
C GLN B 221 -16.10 3.32 -18.71
N LEU B 222 -14.79 3.59 -18.63
CA LEU B 222 -14.14 3.76 -17.34
C LEU B 222 -14.74 4.96 -16.59
N LEU B 223 -14.98 6.05 -17.30
CA LEU B 223 -15.54 7.24 -16.70
C LEU B 223 -16.95 6.96 -16.17
N ALA B 224 -17.71 6.20 -16.94
CA ALA B 224 -19.07 5.85 -16.55
C ALA B 224 -19.01 5.08 -15.23
N LEU B 225 -18.10 4.11 -15.17
CA LEU B 225 -17.95 3.30 -13.97
C LEU B 225 -17.54 4.15 -12.76
N GLU B 226 -16.65 5.11 -12.99
CA GLU B 226 -16.15 5.97 -11.92
C GLU B 226 -17.10 7.09 -11.47
N THR B 227 -18.10 7.40 -12.28
CA THR B 227 -19.02 8.48 -11.93
C THR B 227 -20.51 8.13 -11.85
N ALA B 228 -20.88 6.94 -12.32
CA ALA B 228 -22.29 6.56 -12.32
C ALA B 228 -22.89 6.11 -11.00
N LEU B 229 -22.07 5.57 -10.10
CA LEU B 229 -22.59 5.05 -8.84
C LEU B 229 -22.31 5.85 -7.58
N TYR B 230 -23.20 5.66 -6.60
CA TYR B 230 -23.09 6.31 -5.30
C TYR B 230 -23.17 5.23 -4.23
N CYS B 231 -22.56 5.47 -3.09
CA CYS B 231 -22.61 4.49 -2.00
C CYS B 231 -23.74 4.87 -1.04
N THR B 232 -24.44 5.95 -1.37
CA THR B 232 -25.56 6.41 -0.56
C THR B 232 -26.90 6.04 -1.21
N HIS B 233 -27.95 5.99 -0.40
CA HIS B 233 -29.28 5.66 -0.90
C HIS B 233 -29.84 6.78 -1.77
N MET B 234 -30.84 6.44 -2.57
CA MET B 234 -31.49 7.41 -3.45
C MET B 234 -31.98 8.62 -2.65
N ASP B 235 -31.76 9.82 -3.19
CA ASP B 235 -32.18 11.08 -2.56
C ASP B 235 -31.59 11.42 -1.20
N ASP B 236 -30.44 10.84 -0.88
CA ASP B 236 -29.80 11.15 0.39
C ASP B 236 -29.42 12.63 0.38
N PRO B 237 -29.59 13.32 1.53
CA PRO B 237 -29.26 14.75 1.64
C PRO B 237 -27.80 15.05 1.31
N SER B 238 -26.93 14.08 1.57
CA SER B 238 -25.51 14.24 1.31
C SER B 238 -24.99 13.07 0.47
N PRO B 239 -25.31 13.06 -0.84
CA PRO B 239 -24.89 11.99 -1.74
C PRO B 239 -23.37 11.83 -1.76
N ARG B 240 -22.91 10.57 -1.78
CA ARG B 240 -21.48 10.28 -1.81
C ARG B 240 -21.20 9.34 -2.98
N GLU B 241 -20.32 9.78 -3.88
CA GLU B 241 -19.97 8.98 -5.05
C GLU B 241 -19.17 7.74 -4.66
N MET B 242 -19.40 6.65 -5.38
CA MET B 242 -18.68 5.41 -5.13
C MET B 242 -17.42 5.44 -5.99
N ILE B 243 -16.31 5.78 -5.34
CA ILE B 243 -15.01 5.86 -6.00
C ILE B 243 -13.93 5.33 -5.06
N ASN B 244 -12.76 5.03 -5.61
CA ASN B 244 -11.64 4.53 -4.82
C ASN B 244 -12.05 3.38 -3.91
N ASN B 245 -12.89 2.48 -4.43
CA ASN B 245 -13.36 1.35 -3.66
C ASN B 245 -12.47 0.14 -3.85
N PHE B 246 -11.21 0.31 -3.46
CA PHE B 246 -10.22 -0.75 -3.56
C PHE B 246 -9.34 -0.67 -2.33
N ARG B 247 -8.79 -1.81 -1.92
CA ARG B 247 -7.91 -1.87 -0.76
C ARG B 247 -6.46 -1.65 -1.16
N GLN B 248 -5.69 -1.03 -0.28
CA GLN B 248 -4.27 -0.81 -0.55
C GLN B 248 -3.56 -2.16 -0.54
N VAL B 249 -2.45 -2.26 -1.27
CA VAL B 249 -1.70 -3.51 -1.31
C VAL B 249 -1.13 -3.82 0.07
N GLN B 250 -1.09 -5.11 0.39
CA GLN B 250 -0.60 -5.61 1.67
C GLN B 250 0.80 -6.17 1.50
N LYS B 251 1.55 -6.20 2.59
CA LYS B 251 2.88 -6.77 2.55
C LYS B 251 2.69 -8.26 2.26
N PHE B 252 3.62 -8.84 1.52
CA PHE B 252 3.58 -10.25 1.19
C PHE B 252 5.05 -10.62 1.17
N ASP B 253 5.53 -11.17 2.28
CA ASP B 253 6.93 -11.53 2.42
C ASP B 253 7.43 -12.57 1.41
N GLU B 254 7.57 -13.80 1.88
CA GLU B 254 8.08 -14.90 1.09
C GLU B 254 7.62 -14.99 -0.36
N ARG B 255 8.44 -15.68 -1.16
CA ARG B 255 8.19 -15.90 -2.57
C ARG B 255 7.14 -17.01 -2.73
N LEU B 256 5.90 -16.67 -2.38
CA LEU B 256 4.80 -17.61 -2.45
C LEU B 256 3.78 -17.24 -3.53
N VAL B 257 4.25 -16.56 -4.57
CA VAL B 257 3.41 -16.19 -5.69
C VAL B 257 3.95 -16.93 -6.89
N TYR B 258 3.14 -17.81 -7.47
CA TYR B 258 3.58 -18.60 -8.60
C TYR B 258 2.97 -18.13 -9.91
N THR B 259 3.69 -18.38 -10.99
CA THR B 259 3.23 -17.97 -12.32
C THR B 259 3.21 -19.17 -13.24
N SER B 260 2.28 -19.14 -14.19
CA SER B 260 2.15 -20.23 -15.15
C SER B 260 2.96 -19.89 -16.40
N PHE B 261 3.73 -18.81 -16.31
CA PHE B 261 4.53 -18.34 -17.41
C PHE B 261 5.93 -17.95 -16.91
N SER B 262 6.86 -17.76 -17.84
CA SER B 262 8.21 -17.39 -17.47
C SER B 262 8.61 -16.06 -18.12
ZN ZN C . 10.55 7.36 9.75
C ACY D . 8.48 9.73 10.68
O ACY D . 9.64 9.33 10.44
OXT ACY D . 7.61 9.00 11.21
CH3 ACY D . 8.23 11.22 10.67
ZN ZN E . -13.23 -7.77 -4.95
C ACY F . -12.72 -10.48 -3.11
O ACY F . -13.06 -9.96 -4.18
OXT ACY F . -12.78 -9.89 -2.01
CH3 ACY F . -12.40 -11.96 -3.09
#